data_4XUX
#
_entry.id   4XUX
#
_cell.length_a   62.560
_cell.length_b   69.600
_cell.length_c   76.330
_cell.angle_alpha   90.000
_cell.angle_beta   90.000
_cell.angle_gamma   90.000
#
_symmetry.space_group_name_H-M   'P 2 21 21'
#
loop_
_entity.id
_entity.type
_entity.pdbx_description
1 polymer Beta-lactamase
2 non-polymer Vaborbactam
3 non-polymer 1,2-ETHANEDIOL
4 non-polymer 2-(2-METHOXYETHOXY)ETHANOL
5 water water
#
_entity_poly.entity_id   1
_entity_poly.type   'polypeptide(L)'
_entity_poly.pdbx_seq_one_letter_code
;GSTPVSEKQLAEVVANTITPLMKAQSVPGMAVAVIYQGKPHYYTFGKADIAANKPVTPQTLFELGSISKTFTGVLGGDAI
ARGEISLDDAVTRYWPQLTGKQWQGIRMLDLATYTAGGLPLQVPDEVTDNASLLRFYQNWQPQWKPGTTRLYANASIGLF
GALAVKPSGMPYEQAMTTRVLKPLKLDHTWINVPKAEEAHYAWGYRDGKAVRVSPGMLDAQAYGVKTNVQDMANWVMANM
APENVADASLKQGIALAQSRYWRIGSMYQGLGWEMLNWPVEANTVVEGSDSKVALAPLPVAEVNPPAPPVKASWVHKTGS
TGGFGSYVAFIPEKQIGIVMLANTSYPNPARVEAAYHILEALQ
;
_entity_poly.pdbx_strand_id   A
#
loop_
_chem_comp.id
_chem_comp.type
_chem_comp.name
_chem_comp.formula
4D6 non-polymer Vaborbactam 'C12 H16 B N O5 S'
EDO non-polymer 1,2-ETHANEDIOL 'C2 H6 O2'
PG0 non-polymer 2-(2-METHOXYETHOXY)ETHANOL 'C5 H12 O3'
#
# COMPACT_ATOMS: atom_id res chain seq x y z
N PRO A 4 8.70 -17.30 -22.54
CA PRO A 4 9.85 -17.33 -23.42
C PRO A 4 10.50 -15.97 -23.61
N VAL A 5 10.65 -15.16 -22.55
CA VAL A 5 11.10 -13.76 -22.74
C VAL A 5 12.52 -13.61 -22.24
N SER A 6 13.41 -13.15 -23.11
CA SER A 6 14.81 -12.97 -22.77
C SER A 6 15.04 -11.70 -21.94
N GLU A 7 16.18 -11.65 -21.25
CA GLU A 7 16.56 -10.44 -20.50
C GLU A 7 16.55 -9.22 -21.41
N LYS A 8 17.07 -9.39 -22.62
CA LYS A 8 17.16 -8.31 -23.58
C LYS A 8 15.76 -7.82 -23.94
N GLN A 9 14.87 -8.75 -24.23
CA GLN A 9 13.48 -8.41 -24.62
C GLN A 9 12.76 -7.68 -23.50
N LEU A 10 12.93 -8.17 -22.28
CA LEU A 10 12.30 -7.53 -21.10
C LEU A 10 12.86 -6.13 -20.89
N ALA A 11 14.18 -5.99 -21.00
CA ALA A 11 14.81 -4.68 -20.83
C ALA A 11 14.27 -3.68 -21.85
N GLU A 12 14.02 -4.17 -23.07
CA GLU A 12 13.50 -3.33 -24.14
C GLU A 12 12.07 -2.89 -23.86
N VAL A 13 11.23 -3.81 -23.41
CA VAL A 13 9.85 -3.43 -23.13
C VAL A 13 9.79 -2.43 -21.97
N VAL A 14 10.62 -2.61 -20.95
CA VAL A 14 10.63 -1.65 -19.84
C VAL A 14 11.10 -0.27 -20.32
N ALA A 15 12.20 -0.20 -21.05
CA ALA A 15 12.71 1.09 -21.57
C ALA A 15 11.69 1.78 -22.49
N ASN A 16 11.08 1.00 -23.37
CA ASN A 16 10.14 1.52 -24.38
C ASN A 16 8.83 2.00 -23.76
N THR A 17 8.55 1.54 -22.54
CA THR A 17 7.35 1.96 -21.82
C THR A 17 7.63 3.11 -20.87
N ILE A 18 8.66 2.95 -20.04
CA ILE A 18 9.03 3.93 -19.01
C ILE A 18 9.59 5.25 -19.60
N THR A 19 10.45 5.16 -20.63
CA THR A 19 11.02 6.38 -21.21
C THR A 19 9.94 7.39 -21.69
N PRO A 20 9.00 6.96 -22.55
CA PRO A 20 7.88 7.87 -22.90
C PRO A 20 7.01 8.30 -21.72
N LEU A 21 6.79 7.40 -20.75
CA LEU A 21 5.96 7.74 -19.58
C LEU A 21 6.58 8.91 -18.80
N MET A 22 7.88 8.81 -18.55
CA MET A 22 8.57 9.85 -17.79
C MET A 22 8.54 11.18 -18.54
N LYS A 23 8.67 11.12 -19.86
CA LYS A 23 8.57 12.33 -20.69
C LYS A 23 7.17 12.95 -20.61
N ALA A 24 6.14 12.14 -20.84
CA ALA A 24 4.75 12.63 -20.85
C ALA A 24 4.30 13.16 -19.50
N GLN A 25 4.78 12.54 -18.42
CA GLN A 25 4.35 12.88 -17.07
C GLN A 25 5.35 13.75 -16.28
N SER A 26 6.41 14.25 -16.94
CA SER A 26 7.42 15.12 -16.32
C SER A 26 8.01 14.50 -15.05
N VAL A 27 8.42 13.24 -15.15
CA VAL A 27 8.95 12.50 -14.00
C VAL A 27 10.48 12.55 -14.01
N PRO A 28 11.09 13.09 -12.94
CA PRO A 28 12.56 13.20 -12.96
C PRO A 28 13.29 11.85 -12.87
N GLY A 29 12.76 10.96 -12.03
CA GLY A 29 13.46 9.70 -11.74
C GLY A 29 12.48 8.58 -11.44
N MET A 30 12.83 7.38 -11.88
CA MET A 30 12.05 6.18 -11.58
C MET A 30 12.97 4.98 -11.35
N ALA A 31 12.56 4.12 -10.41
CA ALA A 31 13.21 2.85 -10.21
C ALA A 31 12.12 1.82 -10.39
N VAL A 32 12.44 0.82 -11.19
CA VAL A 32 11.48 -0.22 -11.58
C VAL A 32 12.10 -1.58 -11.28
N ALA A 33 11.30 -2.50 -10.74
CA ALA A 33 11.70 -3.91 -10.64
C ALA A 33 10.64 -4.75 -11.29
N VAL A 34 11.06 -5.72 -12.11
CA VAL A 34 10.14 -6.71 -12.66
C VAL A 34 10.53 -8.07 -12.12
N ILE A 35 9.55 -8.75 -11.51
CA ILE A 35 9.77 -10.09 -10.96
C ILE A 35 9.31 -11.13 -11.99
N TYR A 36 10.21 -12.03 -12.36
CA TYR A 36 9.99 -12.95 -13.45
C TYR A 36 10.97 -14.09 -13.27
N GLN A 37 10.48 -15.34 -13.37
CA GLN A 37 11.35 -16.51 -13.25
C GLN A 37 12.10 -16.57 -11.93
N GLY A 38 11.40 -16.14 -10.89
CA GLY A 38 11.86 -16.23 -9.52
C GLY A 38 12.88 -15.20 -9.09
N LYS A 39 13.15 -14.20 -9.93
CA LYS A 39 14.11 -13.18 -9.57
C LYS A 39 13.69 -11.78 -9.96
N PRO A 40 14.16 -10.79 -9.19
CA PRO A 40 13.92 -9.40 -9.57
C PRO A 40 14.91 -8.94 -10.62
N HIS A 41 14.42 -8.08 -11.51
CA HIS A 41 15.22 -7.46 -12.54
C HIS A 41 15.04 -5.97 -12.37
N TYR A 42 16.15 -5.25 -12.21
CA TYR A 42 16.11 -3.83 -11.85
C TYR A 42 16.45 -2.89 -13.02
N TYR A 43 15.69 -1.79 -13.11
CA TYR A 43 15.90 -0.76 -14.12
C TYR A 43 15.77 0.61 -13.45
N THR A 44 16.77 1.48 -13.60
CA THR A 44 16.73 2.82 -13.03
C THR A 44 16.84 3.88 -14.14
N PHE A 45 16.15 5.00 -13.93
CA PHE A 45 16.02 6.06 -14.92
C PHE A 45 16.11 7.42 -14.25
N GLY A 46 16.89 8.32 -14.83
CA GLY A 46 16.87 9.72 -14.41
C GLY A 46 17.44 10.04 -13.03
N LYS A 47 16.88 11.08 -12.43
CA LYS A 47 17.48 11.76 -11.29
C LYS A 47 16.70 11.58 -9.99
N ALA A 48 17.41 11.31 -8.91
CA ALA A 48 16.86 11.31 -7.55
C ALA A 48 16.78 12.73 -6.97
N ASP A 49 17.78 13.52 -7.31
CA ASP A 49 17.91 14.90 -6.86
C ASP A 49 18.42 15.69 -8.05
N ILE A 50 17.58 16.56 -8.61
CA ILE A 50 17.93 17.31 -9.83
C ILE A 50 19.06 18.29 -9.54
N ALA A 51 18.91 19.08 -8.48
CA ALA A 51 19.88 20.15 -8.16
C ALA A 51 21.25 19.58 -7.89
N ALA A 52 21.29 18.49 -7.12
CA ALA A 52 22.55 17.81 -6.79
C ALA A 52 23.05 16.84 -7.91
N ASN A 53 22.28 16.71 -8.99
CA ASN A 53 22.59 15.78 -10.08
C ASN A 53 22.91 14.34 -9.61
N LYS A 54 22.05 13.81 -8.75
CA LYS A 54 22.18 12.47 -8.22
C LYS A 54 21.25 11.56 -9.00
N PRO A 55 21.80 10.48 -9.59
CA PRO A 55 20.97 9.57 -10.36
C PRO A 55 20.16 8.64 -9.47
N VAL A 56 19.02 8.16 -9.96
CA VAL A 56 18.30 7.08 -9.29
C VAL A 56 19.18 5.84 -9.35
N THR A 57 19.32 5.17 -8.21
CA THR A 57 20.02 3.90 -8.12
C THR A 57 19.12 2.89 -7.41
N PRO A 58 19.56 1.62 -7.36
CA PRO A 58 18.75 0.66 -6.63
C PRO A 58 18.73 0.88 -5.10
N GLN A 59 19.51 1.85 -4.61
CA GLN A 59 19.49 2.21 -3.19
C GLN A 59 18.70 3.49 -2.91
N THR A 60 18.22 4.16 -3.94
CA THR A 60 17.48 5.40 -3.75
C THR A 60 16.18 5.13 -3.00
N LEU A 61 15.89 5.93 -1.96
CA LEU A 61 14.66 5.77 -1.18
C LEU A 61 13.57 6.65 -1.77
N PHE A 62 12.38 6.08 -1.92
CA PHE A 62 11.19 6.78 -2.41
C PHE A 62 10.12 6.70 -1.34
N GLU A 63 9.26 7.71 -1.30
CA GLU A 63 8.08 7.70 -0.45
C GLU A 63 7.01 6.83 -1.10
N LEU A 64 6.56 5.79 -0.38
CA LEU A 64 5.54 4.88 -0.88
C LEU A 64 4.13 5.43 -0.83
N GLY A 65 3.89 6.46 -0.02
CA GLY A 65 2.52 6.92 0.22
C GLY A 65 1.65 5.75 0.63
N SER A 66 0.51 5.59 -0.03
CA SER A 66 -0.48 4.59 0.38
C SER A 66 -0.09 3.12 0.16
N ILE A 67 1.00 2.83 -0.53
CA ILE A 67 1.50 1.44 -0.58
C ILE A 67 1.91 1.02 0.86
N SER A 68 2.12 2.01 1.72
CA SER A 68 2.30 1.78 3.16
C SER A 68 1.18 0.96 3.78
N LYS A 69 -0.02 1.10 3.25
CA LYS A 69 -1.19 0.35 3.74
C LYS A 69 -1.07 -1.18 3.57
N THR A 70 -0.24 -1.61 2.61
CA THR A 70 -0.01 -3.05 2.42
C THR A 70 0.78 -3.60 3.61
N PHE A 71 1.75 -2.83 4.11
CA PHE A 71 2.48 -3.16 5.34
C PHE A 71 1.55 -3.17 6.56
N THR A 72 0.66 -2.19 6.63
CA THR A 72 -0.32 -2.12 7.73
C THR A 72 -1.19 -3.35 7.72
N GLY A 73 -1.68 -3.72 6.55
CA GLY A 73 -2.55 -4.90 6.40
C GLY A 73 -1.85 -6.18 6.82
N VAL A 74 -0.58 -6.34 6.42
CA VAL A 74 0.18 -7.55 6.72
C VAL A 74 0.54 -7.60 8.20
N LEU A 75 0.88 -6.46 8.79
CA LEU A 75 1.16 -6.40 10.23
C LEU A 75 -0.07 -6.76 11.07
N GLY A 76 -1.24 -6.24 10.67
CA GLY A 76 -2.50 -6.66 11.25
C GLY A 76 -2.79 -8.13 11.10
N GLY A 77 -2.57 -8.66 9.91
CA GLY A 77 -2.76 -10.09 9.66
C GLY A 77 -1.87 -10.94 10.58
N ASP A 78 -0.63 -10.49 10.76
CA ASP A 78 0.31 -11.19 11.61
C ASP A 78 -0.19 -11.20 13.07
N ALA A 79 -0.79 -10.11 13.53
CA ALA A 79 -1.38 -10.03 14.85
C ALA A 79 -2.57 -10.99 15.00
N ILE A 80 -3.37 -11.13 13.94
CA ILE A 80 -4.48 -12.09 13.94
C ILE A 80 -3.91 -13.51 14.09
N ALA A 81 -2.88 -13.81 13.29
CA ALA A 81 -2.29 -15.13 13.27
C ALA A 81 -1.56 -15.49 14.58
N ARG A 82 -1.15 -14.46 15.35
CA ARG A 82 -0.60 -14.69 16.68
C ARG A 82 -1.70 -14.95 17.71
N GLY A 83 -2.94 -14.60 17.40
CA GLY A 83 -4.05 -14.72 18.36
C GLY A 83 -4.32 -13.45 19.16
N GLU A 84 -3.67 -12.35 18.77
CA GLU A 84 -3.76 -11.10 19.54
C GLU A 84 -4.98 -10.28 19.25
N ILE A 85 -5.44 -10.30 18.00
CA ILE A 85 -6.65 -9.58 17.60
C ILE A 85 -7.52 -10.44 16.69
N SER A 86 -8.76 -10.02 16.51
CA SER A 86 -9.66 -10.60 15.50
C SER A 86 -10.33 -9.48 14.73
N LEU A 87 -10.49 -9.67 13.43
CA LEU A 87 -11.22 -8.70 12.60
C LEU A 87 -12.67 -8.61 13.03
N ASP A 88 -13.17 -9.65 13.71
CA ASP A 88 -14.57 -9.65 14.14
C ASP A 88 -14.79 -8.93 15.46
N ASP A 89 -13.70 -8.53 16.12
CA ASP A 89 -13.76 -7.77 17.36
C ASP A 89 -14.28 -6.34 17.13
N ALA A 90 -15.05 -5.87 18.10
CA ALA A 90 -15.42 -4.47 18.16
C ALA A 90 -14.16 -3.60 18.23
N VAL A 91 -14.19 -2.47 17.52
CA VAL A 91 -13.13 -1.46 17.65
C VAL A 91 -12.89 -1.07 19.12
N THR A 92 -13.98 -0.92 19.85
CA THR A 92 -13.92 -0.46 21.22
C THR A 92 -13.21 -1.44 22.15
N ARG A 93 -13.05 -2.71 21.73
CA ARG A 93 -12.26 -3.65 22.53
C ARG A 93 -10.83 -3.13 22.69
N TYR A 94 -10.32 -2.45 21.66
CA TYR A 94 -8.93 -1.97 21.66
C TYR A 94 -8.82 -0.50 22.05
N TRP A 95 -9.96 0.18 22.21
CA TRP A 95 -9.97 1.58 22.61
C TRP A 95 -11.20 1.85 23.43
N PRO A 96 -11.18 1.41 24.69
CA PRO A 96 -12.36 1.53 25.59
C PRO A 96 -12.83 2.98 25.80
N GLN A 97 -11.89 3.93 25.72
CA GLN A 97 -12.21 5.35 25.85
C GLN A 97 -13.14 5.83 24.72
N LEU A 98 -13.22 5.06 23.64
CA LEU A 98 -14.10 5.39 22.51
C LEU A 98 -15.54 4.97 22.82
N THR A 99 -16.22 5.81 23.61
CA THR A 99 -17.50 5.45 24.21
C THR A 99 -18.74 5.83 23.40
N GLY A 100 -18.55 6.59 22.31
CA GLY A 100 -19.69 7.06 21.54
C GLY A 100 -20.50 5.88 21.03
N LYS A 101 -21.83 5.97 21.11
CA LYS A 101 -22.57 4.78 20.83
C LYS A 101 -22.69 4.47 19.33
N GLN A 102 -22.31 5.45 18.50
CA GLN A 102 -22.17 5.20 17.06
C GLN A 102 -21.10 4.14 16.74
N TRP A 103 -20.21 3.85 17.70
CA TRP A 103 -19.14 2.88 17.49
C TRP A 103 -19.58 1.46 17.72
N GLN A 104 -20.73 1.27 18.36
CA GLN A 104 -21.25 -0.08 18.57
C GLN A 104 -21.54 -0.72 17.22
N GLY A 105 -21.11 -1.96 17.02
CA GLY A 105 -21.35 -2.63 15.75
C GLY A 105 -20.30 -2.38 14.69
N ILE A 106 -19.30 -1.56 14.99
CA ILE A 106 -18.19 -1.30 14.06
C ILE A 106 -17.04 -2.21 14.46
N ARG A 107 -16.60 -3.05 13.54
CA ARG A 107 -15.58 -4.05 13.81
C ARG A 107 -14.22 -3.59 13.34
N MET A 108 -13.18 -4.24 13.85
CA MET A 108 -11.84 -3.99 13.32
C MET A 108 -11.80 -4.20 11.80
N LEU A 109 -12.57 -5.16 11.31
CA LEU A 109 -12.66 -5.40 9.84
C LEU A 109 -13.07 -4.13 9.11
N ASP A 110 -14.11 -3.47 9.62
CA ASP A 110 -14.59 -2.23 9.03
C ASP A 110 -13.49 -1.14 8.95
N LEU A 111 -12.72 -0.96 10.02
CA LEU A 111 -11.62 0.00 9.99
C LEU A 111 -10.61 -0.40 8.93
N ALA A 112 -10.27 -1.69 8.89
CA ALA A 112 -9.19 -2.14 8.04
C ALA A 112 -9.56 -2.00 6.55
N THR A 113 -10.85 -2.09 6.23
CA THR A 113 -11.32 -2.22 4.83
C THR A 113 -12.21 -1.06 4.39
N TYR A 114 -12.21 0.03 5.16
CA TYR A 114 -12.89 1.29 4.80
C TYR A 114 -14.44 1.22 4.80
N THR A 115 -15.02 0.34 5.61
CA THR A 115 -16.48 0.15 5.59
C THR A 115 -17.16 0.53 6.92
N ALA A 116 -16.50 1.35 7.75
CA ALA A 116 -17.08 1.76 9.03
C ALA A 116 -18.36 2.61 8.89
N GLY A 117 -18.51 3.30 7.77
CA GLY A 117 -19.72 4.07 7.46
C GLY A 117 -19.50 5.54 7.17
N GLY A 118 -18.39 5.86 6.52
CA GLY A 118 -18.12 7.21 6.03
C GLY A 118 -16.94 7.93 6.66
N LEU A 119 -16.09 7.23 7.41
CA LEU A 119 -14.85 7.85 7.89
C LEU A 119 -14.13 8.50 6.72
N PRO A 120 -13.66 9.74 6.91
CA PRO A 120 -13.16 10.55 5.78
C PRO A 120 -11.74 10.18 5.33
N LEU A 121 -11.38 10.66 4.13
CA LEU A 121 -10.08 10.38 3.54
C LEU A 121 -8.91 10.66 4.47
N GLN A 122 -8.95 11.81 5.13
CA GLN A 122 -7.86 12.25 5.98
C GLN A 122 -8.28 12.43 7.42
N VAL A 123 -7.34 12.20 8.32
CA VAL A 123 -7.45 12.64 9.70
C VAL A 123 -7.27 14.16 9.65
N PRO A 124 -8.16 14.94 10.27
CA PRO A 124 -8.04 16.40 10.18
C PRO A 124 -6.68 16.89 10.65
N ASP A 125 -6.16 17.94 10.01
CA ASP A 125 -4.88 18.53 10.40
C ASP A 125 -4.90 19.07 11.83
N GLU A 126 -6.07 19.43 12.35
CA GLU A 126 -6.15 19.93 13.72
C GLU A 126 -5.94 18.84 14.79
N VAL A 127 -5.95 17.57 14.37
CA VAL A 127 -5.66 16.43 15.26
C VAL A 127 -4.15 16.28 15.39
N THR A 128 -3.64 16.48 16.61
CA THR A 128 -2.20 16.52 16.84
C THR A 128 -1.71 15.64 18.00
N ASP A 129 -2.61 14.91 18.64
CA ASP A 129 -2.25 14.01 19.74
C ASP A 129 -3.39 13.02 19.98
N ASN A 130 -3.22 12.12 20.94
CA ASN A 130 -4.25 11.09 21.16
C ASN A 130 -5.56 11.68 21.63
N ALA A 131 -5.50 12.70 22.49
CA ALA A 131 -6.73 13.31 23.01
C ALA A 131 -7.57 13.92 21.86
N SER A 132 -6.91 14.62 20.93
CA SER A 132 -7.63 15.23 19.80
C SER A 132 -8.07 14.17 18.78
N LEU A 133 -7.29 13.12 18.63
CA LEU A 133 -7.67 11.98 17.80
C LEU A 133 -8.96 11.34 18.36
N LEU A 134 -9.00 11.11 19.67
CA LEU A 134 -10.24 10.64 20.33
C LEU A 134 -11.43 11.55 20.08
N ARG A 135 -11.24 12.87 20.24
CA ARG A 135 -12.32 13.82 20.02
C ARG A 135 -12.88 13.69 18.59
N PHE A 136 -11.98 13.60 17.60
CA PHE A 136 -12.36 13.43 16.19
C PHE A 136 -13.25 12.19 15.99
N TYR A 137 -12.84 11.06 16.53
CA TYR A 137 -13.64 9.81 16.36
C TYR A 137 -14.94 9.84 17.15
N GLN A 138 -14.90 10.46 18.33
CA GLN A 138 -16.12 10.63 19.14
C GLN A 138 -17.14 11.56 18.48
N ASN A 139 -16.69 12.53 17.70
CA ASN A 139 -17.57 13.51 17.07
C ASN A 139 -17.99 13.10 15.67
N TRP A 140 -17.46 11.97 15.20
CA TRP A 140 -17.79 11.47 13.87
C TRP A 140 -19.19 10.90 13.86
N GLN A 141 -19.99 11.37 12.90
CA GLN A 141 -21.39 10.97 12.71
C GLN A 141 -21.42 10.11 11.45
N PRO A 142 -21.56 8.78 11.62
CA PRO A 142 -21.55 7.92 10.42
C PRO A 142 -22.69 8.25 9.47
N GLN A 143 -22.36 8.29 8.19
CA GLN A 143 -23.34 8.58 7.16
C GLN A 143 -24.05 7.31 6.72
N TRP A 144 -23.42 6.16 6.93
CA TRP A 144 -23.98 4.85 6.63
C TRP A 144 -23.82 3.91 7.79
N LYS A 145 -24.69 2.89 7.83
CA LYS A 145 -24.51 1.78 8.75
C LYS A 145 -23.22 1.06 8.43
N PRO A 146 -22.64 0.36 9.43
CA PRO A 146 -21.40 -0.35 9.15
C PRO A 146 -21.58 -1.44 8.10
N GLY A 147 -20.54 -1.74 7.34
CA GLY A 147 -20.57 -2.86 6.40
C GLY A 147 -21.48 -2.65 5.19
N THR A 148 -21.71 -1.40 4.82
CA THR A 148 -22.59 -1.07 3.67
C THR A 148 -21.97 -0.21 2.56
N THR A 149 -21.00 0.62 2.92
CA THR A 149 -20.40 1.58 2.01
C THR A 149 -18.87 1.62 2.22
N ARG A 150 -18.11 1.47 1.13
CA ARG A 150 -16.67 1.60 1.16
C ARG A 150 -16.33 3.05 0.82
N LEU A 151 -15.60 3.72 1.70
CA LEU A 151 -15.00 5.02 1.36
C LEU A 151 -13.51 4.96 1.71
N TYR A 152 -12.67 4.94 0.69
CA TYR A 152 -11.21 4.86 0.91
C TYR A 152 -10.76 5.96 1.85
N ALA A 153 -10.05 5.56 2.90
CA ALA A 153 -9.82 6.50 4.03
C ALA A 153 -8.62 6.19 4.90
N ASN A 154 -7.73 7.17 5.01
CA ASN A 154 -6.61 7.09 5.97
C ASN A 154 -7.11 7.08 7.41
N ALA A 155 -8.21 7.81 7.66
CA ALA A 155 -8.83 7.88 9.00
C ALA A 155 -9.37 6.53 9.42
N SER A 156 -9.61 5.65 8.46
CA SER A 156 -10.06 4.27 8.72
C SER A 156 -8.90 3.29 8.95
N ILE A 157 -8.11 2.99 7.92
CA ILE A 157 -7.04 2.00 8.03
C ILE A 157 -5.91 2.49 8.96
N GLY A 158 -5.69 3.82 9.03
CA GLY A 158 -4.73 4.39 9.96
C GLY A 158 -5.05 3.98 11.40
N LEU A 159 -6.32 4.08 11.78
CA LEU A 159 -6.76 3.67 13.12
C LEU A 159 -6.65 2.15 13.31
N PHE A 160 -7.04 1.38 12.31
CA PHE A 160 -6.85 -0.08 12.38
C PHE A 160 -5.39 -0.42 12.72
N GLY A 161 -4.45 0.20 12.01
CA GLY A 161 -3.02 -0.04 12.28
C GLY A 161 -2.60 0.27 13.70
N ALA A 162 -3.03 1.42 14.19
CA ALA A 162 -2.70 1.84 15.55
C ALA A 162 -3.27 0.90 16.61
N LEU A 163 -4.51 0.47 16.42
CA LEU A 163 -5.17 -0.40 17.38
C LEU A 163 -4.68 -1.84 17.28
N ALA A 164 -4.31 -2.28 16.07
CA ALA A 164 -3.90 -3.66 15.87
C ALA A 164 -2.62 -4.03 16.63
N VAL A 165 -1.76 -3.05 16.89
CA VAL A 165 -0.50 -3.30 17.59
C VAL A 165 -0.62 -3.12 19.10
N LYS A 166 -1.79 -2.72 19.60
CA LYS A 166 -1.91 -2.48 21.06
C LYS A 166 -1.61 -3.72 21.92
N PRO A 167 -2.14 -4.91 21.57
CA PRO A 167 -1.83 -6.07 22.41
C PRO A 167 -0.35 -6.43 22.45
N SER A 168 0.40 -6.14 21.38
CA SER A 168 1.84 -6.42 21.34
C SER A 168 2.62 -5.65 22.40
N GLY A 169 2.08 -4.51 22.81
CA GLY A 169 2.76 -3.62 23.72
C GLY A 169 3.83 -2.74 23.11
N MET A 170 4.01 -2.83 21.78
CA MET A 170 5.06 -2.06 21.10
C MET A 170 4.44 -0.88 20.40
N PRO A 171 5.19 0.23 20.30
CA PRO A 171 4.76 1.30 19.40
C PRO A 171 4.72 0.76 17.97
N TYR A 172 3.91 1.40 17.13
CA TYR A 172 3.69 0.92 15.77
C TYR A 172 5.00 0.69 14.99
N GLU A 173 5.92 1.66 15.02
CA GLU A 173 7.16 1.53 14.25
C GLU A 173 7.94 0.28 14.69
N GLN A 174 8.10 0.09 16.00
CA GLN A 174 8.84 -1.06 16.49
C GLN A 174 8.11 -2.39 16.18
N ALA A 175 6.79 -2.43 16.29
CA ALA A 175 6.03 -3.62 15.91
C ALA A 175 6.28 -3.96 14.43
N MET A 176 6.19 -2.94 13.56
CA MET A 176 6.41 -3.13 12.14
C MET A 176 7.82 -3.68 11.85
N THR A 177 8.83 -3.08 12.47
CA THR A 177 10.22 -3.48 12.23
C THR A 177 10.49 -4.90 12.74
N THR A 178 10.05 -5.18 13.96
CA THR A 178 10.29 -6.47 14.63
C THR A 178 9.55 -7.65 13.96
N ARG A 179 8.31 -7.40 13.56
CA ARG A 179 7.41 -8.47 13.10
C ARG A 179 7.25 -8.64 11.60
N VAL A 180 7.57 -7.59 10.83
CA VAL A 180 7.45 -7.63 9.37
C VAL A 180 8.76 -7.36 8.64
N LEU A 181 9.38 -6.21 8.90
CA LEU A 181 10.56 -5.81 8.12
C LEU A 181 11.78 -6.72 8.40
N LYS A 182 12.12 -6.93 9.66
CA LYS A 182 13.33 -7.69 10.00
C LYS A 182 13.22 -9.18 9.55
N PRO A 183 12.06 -9.83 9.77
CA PRO A 183 11.99 -11.23 9.33
C PRO A 183 12.15 -11.40 7.81
N LEU A 184 11.76 -10.39 7.04
CA LEU A 184 11.89 -10.42 5.56
C LEU A 184 13.17 -9.75 5.07
N LYS A 185 14.06 -9.36 5.99
CA LYS A 185 15.34 -8.72 5.64
C LYS A 185 15.14 -7.45 4.82
N LEU A 186 14.08 -6.70 5.14
CA LEU A 186 13.81 -5.42 4.53
C LEU A 186 14.51 -4.36 5.39
N ASP A 187 15.83 -4.31 5.24
CA ASP A 187 16.70 -3.55 6.12
C ASP A 187 16.91 -2.11 5.68
N HIS A 188 16.31 -1.73 4.55
CA HIS A 188 16.33 -0.32 4.08
C HIS A 188 14.93 0.19 3.80
N THR A 189 14.01 -0.20 4.68
CA THR A 189 12.63 0.23 4.64
C THR A 189 12.33 0.92 5.97
N TRP A 190 11.83 2.15 5.89
CA TRP A 190 11.85 3.09 7.01
C TRP A 190 10.57 3.80 7.19
N ILE A 191 10.15 3.94 8.44
CA ILE A 191 9.09 4.85 8.81
C ILE A 191 9.75 6.20 9.11
N ASN A 192 10.86 6.17 9.82
CA ASN A 192 11.70 7.36 10.01
C ASN A 192 13.08 7.03 9.44
N VAL A 193 13.50 7.79 8.43
CA VAL A 193 14.78 7.56 7.78
C VAL A 193 15.90 8.11 8.69
N PRO A 194 16.81 7.23 9.15
CA PRO A 194 17.91 7.71 10.01
C PRO A 194 18.78 8.71 9.27
N LYS A 195 19.35 9.66 10.02
CA LYS A 195 20.29 10.64 9.45
C LYS A 195 21.35 10.00 8.54
N ALA A 196 21.89 8.85 8.98
CA ALA A 196 22.93 8.13 8.24
C ALA A 196 22.48 7.60 6.87
N GLU A 197 21.18 7.48 6.66
CA GLU A 197 20.61 7.01 5.39
C GLU A 197 20.02 8.13 4.55
N GLU A 198 19.97 9.35 5.09
CA GLU A 198 19.35 10.46 4.40
C GLU A 198 19.96 10.74 3.02
N ALA A 199 21.24 10.41 2.81
CA ALA A 199 21.87 10.63 1.51
C ALA A 199 21.21 9.81 0.37
N HIS A 200 20.56 8.71 0.73
CA HIS A 200 19.80 7.89 -0.24
C HIS A 200 18.41 8.38 -0.54
N TYR A 201 17.90 9.34 0.24
CA TYR A 201 16.51 9.80 0.15
C TYR A 201 16.33 10.76 -1.05
N ALA A 202 15.60 10.31 -2.06
CA ALA A 202 15.26 11.17 -3.20
C ALA A 202 14.47 12.40 -2.76
N TRP A 203 14.50 13.43 -3.58
CA TRP A 203 13.54 14.52 -3.46
C TRP A 203 12.35 14.18 -4.30
N GLY A 204 11.16 14.48 -3.79
CA GLY A 204 9.95 14.47 -4.60
C GLY A 204 9.83 15.80 -5.33
N TYR A 205 9.09 15.79 -6.43
CA TYR A 205 8.94 16.98 -7.27
C TYR A 205 7.48 17.22 -7.61
N ARG A 206 7.04 18.45 -7.39
CA ARG A 206 5.69 18.88 -7.74
C ARG A 206 5.77 20.26 -8.39
N ASP A 207 5.38 20.33 -9.66
CA ASP A 207 5.35 21.59 -10.42
C ASP A 207 6.69 22.33 -10.36
N GLY A 208 7.78 21.58 -10.42
CA GLY A 208 9.12 22.14 -10.45
C GLY A 208 9.77 22.27 -9.08
N LYS A 209 9.02 22.08 -8.01
CA LYS A 209 9.54 22.30 -6.66
C LYS A 209 9.88 20.98 -5.98
N ALA A 210 11.04 20.94 -5.30
CA ALA A 210 11.40 19.81 -4.45
C ALA A 210 10.52 19.76 -3.19
N VAL A 211 10.02 18.56 -2.86
CA VAL A 211 9.18 18.38 -1.70
CA VAL A 211 9.16 18.38 -1.70
C VAL A 211 9.34 16.98 -1.09
N ARG A 212 9.16 16.89 0.23
CA ARG A 212 9.07 15.61 0.95
C ARG A 212 7.86 15.62 1.87
N VAL A 213 7.44 14.44 2.27
CA VAL A 213 6.21 14.30 3.05
C VAL A 213 6.40 14.87 4.45
N SER A 214 5.34 15.50 4.96
CA SER A 214 5.34 16.11 6.30
C SER A 214 4.75 15.15 7.33
N PRO A 215 5.16 15.26 8.60
CA PRO A 215 4.50 14.48 9.66
C PRO A 215 3.01 14.74 9.75
N GLY A 216 2.23 13.71 10.10
CA GLY A 216 0.81 13.87 10.42
C GLY A 216 0.35 12.74 11.32
N MET A 217 -0.81 12.89 11.95
CA MET A 217 -1.31 11.83 12.83
C MET A 217 -1.63 10.58 12.00
N LEU A 218 -1.18 9.45 12.52
CA LEU A 218 -1.37 8.14 11.88
C LEU A 218 -0.68 8.05 10.50
N ASP A 219 0.37 8.85 10.31
CA ASP A 219 1.11 8.84 9.06
C ASP A 219 1.79 7.50 8.80
N ALA A 220 2.43 6.91 9.80
CA ALA A 220 3.11 5.66 9.57
C ALA A 220 2.16 4.58 9.09
N GLN A 221 0.96 4.55 9.66
CA GLN A 221 -0.01 3.48 9.43
C GLN A 221 -0.73 3.65 8.07
N ALA A 222 -0.73 4.86 7.52
CA ALA A 222 -1.51 5.14 6.30
C ALA A 222 -0.66 5.52 5.09
N TYR A 223 0.45 6.24 5.28
CA TYR A 223 1.19 6.72 4.11
C TYR A 223 2.69 7.07 4.30
N GLY A 224 3.29 6.62 5.39
CA GLY A 224 4.61 7.13 5.81
C GLY A 224 5.84 6.29 5.53
N VAL A 225 5.71 5.16 4.85
CA VAL A 225 6.87 4.29 4.64
C VAL A 225 7.73 4.75 3.45
N LYS A 226 9.05 4.70 3.61
CA LYS A 226 10.04 5.01 2.54
C LYS A 226 10.88 3.77 2.32
N THR A 227 11.22 3.47 1.07
CA THR A 227 11.99 2.26 0.78
C THR A 227 12.72 2.40 -0.55
N ASN A 228 13.64 1.48 -0.83
CA ASN A 228 14.28 1.44 -2.14
C ASN A 228 13.67 0.31 -2.97
N VAL A 229 14.07 0.23 -4.24
CA VAL A 229 13.42 -0.68 -5.19
C VAL A 229 13.77 -2.15 -4.89
N GLN A 230 14.92 -2.38 -4.27
CA GLN A 230 15.30 -3.76 -3.87
C GLN A 230 14.43 -4.28 -2.75
N ASP A 231 14.28 -3.51 -1.67
CA ASP A 231 13.39 -3.92 -0.58
C ASP A 231 11.96 -4.05 -1.11
N MET A 232 11.55 -3.15 -2.01
CA MET A 232 10.22 -3.25 -2.56
C MET A 232 10.01 -4.49 -3.43
N ALA A 233 11.00 -4.83 -4.25
CA ALA A 233 10.94 -6.09 -5.01
C ALA A 233 10.83 -7.31 -4.08
N ASN A 234 11.59 -7.31 -2.99
CA ASN A 234 11.54 -8.41 -2.03
C ASN A 234 10.21 -8.45 -1.24
N TRP A 235 9.61 -7.30 -0.97
CA TRP A 235 8.25 -7.22 -0.42
C TRP A 235 7.23 -7.83 -1.35
N VAL A 236 7.29 -7.45 -2.62
CA VAL A 236 6.40 -8.03 -3.62
C VAL A 236 6.61 -9.55 -3.73
N MET A 237 7.86 -10.00 -3.73
CA MET A 237 8.13 -11.44 -3.83
C MET A 237 7.57 -12.21 -2.63
N ALA A 238 7.63 -11.63 -1.43
CA ALA A 238 7.09 -12.31 -0.24
C ALA A 238 5.58 -12.39 -0.34
N ASN A 239 4.95 -11.36 -0.89
CA ASN A 239 3.50 -11.34 -1.02
C ASN A 239 3.04 -12.24 -2.18
N MET A 240 3.87 -12.38 -3.19
CA MET A 240 3.58 -13.26 -4.33
C MET A 240 3.63 -14.75 -3.95
N ALA A 241 4.61 -15.09 -3.11
CA ALA A 241 4.87 -16.48 -2.76
C ALA A 241 5.11 -16.62 -1.25
N PRO A 242 4.05 -16.41 -0.45
CA PRO A 242 4.17 -16.43 1.01
C PRO A 242 4.55 -17.80 1.57
N GLU A 243 4.29 -18.85 0.81
CA GLU A 243 4.63 -20.20 1.28
C GLU A 243 6.12 -20.33 1.62
N ASN A 244 6.96 -19.53 0.96
CA ASN A 244 8.41 -19.50 1.18
C ASN A 244 8.88 -18.68 2.40
N VAL A 245 7.99 -17.89 2.99
CA VAL A 245 8.31 -17.08 4.18
C VAL A 245 8.37 -18.01 5.39
N ALA A 246 9.43 -17.84 6.20
CA ALA A 246 9.68 -18.77 7.31
C ALA A 246 8.77 -18.50 8.52
N ASP A 247 8.70 -17.23 8.92
CA ASP A 247 7.92 -16.78 10.08
C ASP A 247 6.46 -17.20 9.92
N ALA A 248 5.98 -18.10 10.80
CA ALA A 248 4.68 -18.75 10.61
C ALA A 248 3.49 -17.82 10.74
N SER A 249 3.53 -16.84 11.64
CA SER A 249 2.42 -15.90 11.77
C SER A 249 2.47 -14.89 10.63
N LEU A 250 3.67 -14.54 10.18
CA LEU A 250 3.82 -13.52 9.14
C LEU A 250 3.31 -14.07 7.81
N LYS A 251 3.61 -15.32 7.51
CA LYS A 251 3.12 -15.90 6.25
C LYS A 251 1.56 -15.96 6.25
N GLN A 252 0.99 -16.26 7.41
CA GLN A 252 -0.47 -16.24 7.53
C GLN A 252 -1.02 -14.82 7.38
N GLY A 253 -0.32 -13.84 7.96
CA GLY A 253 -0.69 -12.44 7.83
C GLY A 253 -0.72 -11.93 6.39
N ILE A 254 0.27 -12.38 5.61
CA ILE A 254 0.32 -12.07 4.18
C ILE A 254 -0.94 -12.64 3.51
N ALA A 255 -1.28 -13.90 3.81
CA ALA A 255 -2.51 -14.52 3.26
C ALA A 255 -3.75 -13.74 3.68
N LEU A 256 -3.82 -13.33 4.95
CA LEU A 256 -4.99 -12.59 5.42
C LEU A 256 -5.16 -11.24 4.71
N ALA A 257 -4.05 -10.59 4.38
CA ALA A 257 -4.06 -9.29 3.71
C ALA A 257 -4.50 -9.38 2.26
N GLN A 258 -4.33 -10.56 1.66
CA GLN A 258 -4.81 -10.82 0.29
C GLN A 258 -6.12 -11.58 0.20
N SER A 259 -6.82 -11.71 1.31
CA SER A 259 -8.09 -12.38 1.34
C SER A 259 -9.11 -11.35 0.87
N ARG A 260 -10.21 -11.83 0.33
CA ARG A 260 -11.28 -10.94 -0.14
C ARG A 260 -12.33 -10.79 0.93
N TYR A 261 -12.54 -9.55 1.38
CA TYR A 261 -13.52 -9.22 2.44
C TYR A 261 -14.82 -8.58 1.92
N TRP A 262 -14.69 -7.89 0.79
CA TRP A 262 -15.80 -7.17 0.15
C TRP A 262 -15.58 -7.13 -1.32
N ARG A 263 -16.65 -7.15 -2.09
CA ARG A 263 -16.60 -6.88 -3.51
C ARG A 263 -17.23 -5.50 -3.73
N ILE A 264 -16.54 -4.69 -4.52
CA ILE A 264 -17.00 -3.37 -4.93
C ILE A 264 -16.79 -3.31 -6.43
N GLY A 265 -17.88 -3.43 -7.19
CA GLY A 265 -17.76 -3.61 -8.63
C GLY A 265 -16.89 -4.78 -9.04
N SER A 266 -15.84 -4.52 -9.83
CA SER A 266 -14.98 -5.59 -10.35
C SER A 266 -13.73 -5.79 -9.47
N MET A 267 -13.66 -5.08 -8.34
CA MET A 267 -12.54 -5.29 -7.42
C MET A 267 -12.98 -5.81 -6.06
N TYR A 268 -11.99 -6.34 -5.34
CA TYR A 268 -12.19 -6.91 -3.99
C TYR A 268 -11.23 -6.23 -3.03
N GLN A 269 -11.71 -5.95 -1.82
CA GLN A 269 -10.89 -5.28 -0.84
C GLN A 269 -10.22 -6.30 0.09
N GLY A 270 -8.89 -6.24 0.14
CA GLY A 270 -8.10 -6.98 1.12
C GLY A 270 -7.76 -6.10 2.30
N LEU A 271 -6.70 -6.47 3.03
CA LEU A 271 -6.16 -5.59 4.07
C LEU A 271 -5.03 -4.78 3.45
N GLY A 272 -5.34 -3.55 3.03
CA GLY A 272 -4.38 -2.73 2.28
C GLY A 272 -4.36 -3.09 0.81
N TRP A 273 -4.03 -4.34 0.50
CA TRP A 273 -4.08 -4.82 -0.90
C TRP A 273 -5.46 -4.77 -1.45
N GLU A 274 -5.55 -4.53 -2.76
CA GLU A 274 -6.80 -4.67 -3.53
C GLU A 274 -6.55 -5.71 -4.62
N MET A 275 -7.61 -6.41 -4.98
CA MET A 275 -7.55 -7.50 -5.96
C MET A 275 -8.64 -7.45 -7.01
N LEU A 276 -8.31 -7.91 -8.22
CA LEU A 276 -9.30 -8.24 -9.23
C LEU A 276 -9.02 -9.66 -9.67
N ASN A 277 -10.03 -10.37 -10.14
CA ASN A 277 -9.80 -11.72 -10.68
C ASN A 277 -8.93 -11.68 -11.93
N TRP A 278 -7.96 -12.60 -12.04
CA TRP A 278 -7.16 -12.79 -13.26
C TRP A 278 -7.78 -13.92 -14.04
N PRO A 279 -7.93 -13.78 -15.36
CA PRO A 279 -7.52 -12.67 -16.23
C PRO A 279 -8.39 -11.44 -16.13
N VAL A 280 -7.76 -10.28 -16.29
CA VAL A 280 -8.48 -9.02 -16.35
C VAL A 280 -7.87 -8.23 -17.49
N GLU A 281 -8.74 -7.49 -18.19
CA GLU A 281 -8.34 -6.62 -19.28
C GLU A 281 -7.83 -5.30 -18.71
N ALA A 282 -6.99 -4.63 -19.48
CA ALA A 282 -6.44 -3.34 -19.03
C ALA A 282 -7.51 -2.34 -18.66
N ASN A 283 -8.53 -2.20 -19.50
CA ASN A 283 -9.52 -1.15 -19.25
C ASN A 283 -10.24 -1.28 -17.90
N THR A 284 -10.54 -2.51 -17.51
CA THR A 284 -11.12 -2.76 -16.19
C THR A 284 -10.27 -2.17 -15.07
N VAL A 285 -8.97 -2.48 -15.06
CA VAL A 285 -8.10 -2.04 -13.98
C VAL A 285 -7.77 -0.55 -14.09
N VAL A 286 -7.46 -0.09 -15.30
CA VAL A 286 -7.20 1.34 -15.54
C VAL A 286 -8.38 2.24 -15.12
N GLU A 287 -9.59 1.89 -15.57
CA GLU A 287 -10.77 2.69 -15.26
C GLU A 287 -11.11 2.67 -13.77
N GLY A 288 -10.86 1.53 -13.11
CA GLY A 288 -11.11 1.41 -11.67
C GLY A 288 -10.20 2.32 -10.86
N SER A 289 -9.06 2.70 -11.44
CA SER A 289 -8.06 3.47 -10.70
C SER A 289 -8.28 4.98 -10.82
N ASP A 290 -9.19 5.39 -11.71
CA ASP A 290 -9.50 6.81 -11.84
C ASP A 290 -10.05 7.31 -10.51
N SER A 291 -9.62 8.50 -10.08
CA SER A 291 -10.05 9.06 -8.80
C SER A 291 -11.59 9.16 -8.65
N LYS A 292 -12.31 9.33 -9.75
CA LYS A 292 -13.77 9.43 -9.65
C LYS A 292 -14.42 8.13 -9.23
N VAL A 293 -13.69 7.02 -9.37
CA VAL A 293 -14.13 5.73 -8.87
C VAL A 293 -13.44 5.48 -7.54
N ALA A 294 -12.11 5.60 -7.50
CA ALA A 294 -11.30 5.13 -6.36
C ALA A 294 -11.57 5.86 -5.05
N LEU A 295 -11.91 7.14 -5.12
CA LEU A 295 -12.21 7.96 -3.93
C LEU A 295 -13.71 8.09 -3.64
N ALA A 296 -14.57 7.49 -4.46
CA ALA A 296 -16.03 7.60 -4.27
C ALA A 296 -16.56 6.67 -3.17
N PRO A 297 -17.60 7.12 -2.44
CA PRO A 297 -18.31 6.20 -1.58
C PRO A 297 -19.15 5.26 -2.45
N LEU A 298 -18.95 3.96 -2.30
CA LEU A 298 -19.61 2.96 -3.15
C LEU A 298 -20.19 1.83 -2.30
N PRO A 299 -21.33 1.27 -2.74
CA PRO A 299 -21.89 0.13 -2.02
C PRO A 299 -21.03 -1.12 -2.12
N VAL A 300 -21.09 -1.96 -1.10
CA VAL A 300 -20.28 -3.16 -1.01
C VAL A 300 -21.17 -4.38 -0.94
N ALA A 301 -20.59 -5.50 -1.38
CA ALA A 301 -21.15 -6.83 -1.13
C ALA A 301 -20.17 -7.56 -0.24
N GLU A 302 -20.64 -7.99 0.94
CA GLU A 302 -19.83 -8.73 1.92
C GLU A 302 -19.36 -10.05 1.32
N VAL A 303 -18.11 -10.42 1.57
CA VAL A 303 -17.62 -11.78 1.33
C VAL A 303 -17.47 -12.42 2.72
N ASN A 304 -18.44 -13.26 3.09
CA ASN A 304 -18.54 -13.75 4.45
C ASN A 304 -18.87 -15.25 4.46
N PRO A 305 -17.94 -16.08 4.96
CA PRO A 305 -16.64 -15.71 5.47
C PRO A 305 -15.73 -15.15 4.36
N PRO A 306 -14.67 -14.44 4.74
CA PRO A 306 -13.74 -13.92 3.76
C PRO A 306 -13.16 -15.03 2.87
N ALA A 307 -12.93 -14.72 1.61
CA ALA A 307 -12.29 -15.69 0.71
C ALA A 307 -10.78 -15.64 0.87
N PRO A 308 -10.14 -16.79 1.16
CA PRO A 308 -8.68 -16.79 1.23
C PRO A 308 -8.05 -16.48 -0.11
N PRO A 309 -6.73 -16.23 -0.11
CA PRO A 309 -6.08 -15.72 -1.32
C PRO A 309 -6.34 -16.58 -2.55
N VAL A 310 -6.72 -15.91 -3.64
CA VAL A 310 -6.98 -16.53 -4.92
C VAL A 310 -5.72 -16.30 -5.76
N LYS A 311 -5.07 -17.36 -6.20
CA LYS A 311 -3.81 -17.16 -6.92
C LYS A 311 -4.03 -16.45 -8.25
N ALA A 312 -5.17 -16.72 -8.90
CA ALA A 312 -5.50 -16.06 -10.15
C ALA A 312 -6.15 -14.70 -9.82
N SER A 313 -5.30 -13.79 -9.38
CA SER A 313 -5.66 -12.43 -9.02
C SER A 313 -4.63 -11.48 -9.59
N TRP A 314 -5.12 -10.29 -9.96
CA TRP A 314 -4.29 -9.08 -10.13
C TRP A 314 -4.29 -8.42 -8.77
N VAL A 315 -3.17 -8.45 -8.06
CA VAL A 315 -3.08 -7.87 -6.72
C VAL A 315 -2.27 -6.58 -6.86
N HIS A 316 -2.77 -5.47 -6.33
CA HIS A 316 -2.11 -4.20 -6.58
C HIS A 316 -2.40 -3.14 -5.56
N LYS A 317 -1.60 -2.07 -5.64
CA LYS A 317 -1.84 -0.89 -4.82
C LYS A 317 -1.09 0.30 -5.36
N THR A 318 -1.80 1.43 -5.50
CA THR A 318 -1.17 2.72 -5.82
C THR A 318 -0.74 3.42 -4.53
N GLY A 319 0.32 4.21 -4.59
CA GLY A 319 0.69 5.05 -3.45
C GLY A 319 1.25 6.37 -3.90
N SER A 320 0.87 7.45 -3.22
CA SER A 320 1.30 8.80 -3.59
C SER A 320 1.54 9.66 -2.36
N THR A 321 2.46 10.62 -2.52
CA THR A 321 2.59 11.74 -1.62
C THR A 321 2.63 13.00 -2.48
N GLY A 322 2.91 14.17 -1.89
CA GLY A 322 2.96 15.39 -2.65
C GLY A 322 3.93 15.33 -3.80
N GLY A 323 5.07 14.67 -3.58
CA GLY A 323 6.14 14.63 -4.55
C GLY A 323 6.48 13.28 -5.17
N PHE A 324 5.74 12.23 -4.79
CA PHE A 324 6.07 10.86 -5.24
C PHE A 324 4.83 10.12 -5.74
N GLY A 325 5.04 9.21 -6.69
CA GLY A 325 3.97 8.40 -7.27
C GLY A 325 4.49 7.01 -7.51
N SER A 326 3.87 6.02 -6.88
CA SER A 326 4.33 4.67 -6.97
C SER A 326 3.19 3.69 -7.25
N TYR A 327 3.56 2.51 -7.74
CA TYR A 327 2.60 1.46 -8.04
C TYR A 327 3.27 0.09 -7.96
N VAL A 328 2.55 -0.88 -7.41
CA VAL A 328 2.98 -2.26 -7.37
CA VAL A 328 2.97 -2.27 -7.39
C VAL A 328 1.81 -3.15 -7.84
N ALA A 329 2.11 -4.16 -8.64
CA ALA A 329 1.07 -5.12 -9.06
C ALA A 329 1.75 -6.47 -9.27
N PHE A 330 1.02 -7.55 -8.96
CA PHE A 330 1.51 -8.91 -9.19
C PHE A 330 0.38 -9.91 -9.39
N ILE A 331 0.71 -11.03 -10.04
CA ILE A 331 -0.24 -12.08 -10.38
C ILE A 331 0.33 -13.40 -9.86
N PRO A 332 -0.12 -13.87 -8.70
CA PRO A 332 0.51 -15.05 -8.12
C PRO A 332 0.50 -16.29 -9.02
N GLU A 333 -0.60 -16.52 -9.73
CA GLU A 333 -0.68 -17.68 -10.63
C GLU A 333 0.48 -17.73 -11.61
N LYS A 334 0.90 -16.57 -12.09
CA LYS A 334 1.94 -16.49 -13.10
C LYS A 334 3.31 -16.22 -12.49
N GLN A 335 3.39 -15.92 -11.20
CA GLN A 335 4.65 -15.52 -10.55
C GLN A 335 5.35 -14.44 -11.37
N ILE A 336 4.58 -13.41 -11.73
CA ILE A 336 5.13 -12.19 -12.28
C ILE A 336 4.63 -10.98 -11.48
N GLY A 337 5.45 -9.95 -11.43
CA GLY A 337 5.08 -8.75 -10.68
C GLY A 337 5.92 -7.56 -11.05
N ILE A 338 5.49 -6.38 -10.66
CA ILE A 338 6.21 -5.17 -11.01
C ILE A 338 6.12 -4.14 -9.87
N VAL A 339 7.22 -3.39 -9.70
CA VAL A 339 7.32 -2.23 -8.83
C VAL A 339 7.73 -1.03 -9.70
N MET A 340 7.00 0.08 -9.58
CA MET A 340 7.34 1.33 -10.23
C MET A 340 7.35 2.44 -9.20
N LEU A 341 8.55 2.94 -8.87
CA LEU A 341 8.72 4.01 -7.90
C LEU A 341 9.14 5.27 -8.66
N ALA A 342 8.44 6.38 -8.42
CA ALA A 342 8.75 7.66 -9.09
C ALA A 342 8.74 8.82 -8.13
N ASN A 343 9.56 9.84 -8.41
CA ASN A 343 9.57 11.07 -7.62
C ASN A 343 8.77 12.21 -8.29
N THR A 344 7.59 11.84 -8.78
CA THR A 344 6.52 12.75 -9.15
C THR A 344 5.23 11.98 -9.05
N SER A 345 4.22 12.62 -8.48
CA SER A 345 2.88 12.03 -8.41
C SER A 345 2.17 12.31 -9.72
N TYR A 346 2.02 11.29 -10.54
CA TYR A 346 1.36 11.40 -11.84
C TYR A 346 0.13 10.48 -11.83
N PRO A 347 -0.81 10.66 -12.80
CA PRO A 347 -2.11 10.03 -12.61
C PRO A 347 -2.08 8.51 -12.46
N ASN A 348 -2.90 8.00 -11.55
CA ASN A 348 -2.97 6.54 -11.33
C ASN A 348 -3.29 5.73 -12.59
N PRO A 349 -4.23 6.18 -13.42
CA PRO A 349 -4.47 5.37 -14.62
C PRO A 349 -3.23 5.19 -15.52
N ALA A 350 -2.33 6.18 -15.55
CA ALA A 350 -1.09 6.08 -16.32
C ALA A 350 -0.12 5.04 -15.72
N ARG A 351 -0.06 4.98 -14.39
CA ARG A 351 0.72 3.96 -13.69
C ARG A 351 0.22 2.58 -14.06
N VAL A 352 -1.11 2.41 -13.99
CA VAL A 352 -1.70 1.09 -14.22
C VAL A 352 -1.48 0.66 -15.67
N GLU A 353 -1.67 1.58 -16.61
CA GLU A 353 -1.50 1.25 -18.02
C GLU A 353 -0.06 0.77 -18.31
N ALA A 354 0.93 1.51 -17.81
CA ALA A 354 2.33 1.14 -18.04
C ALA A 354 2.66 -0.23 -17.42
N ALA A 355 2.26 -0.44 -16.18
CA ALA A 355 2.47 -1.72 -15.50
C ALA A 355 1.82 -2.90 -16.23
N TYR A 356 0.56 -2.73 -16.64
CA TYR A 356 -0.16 -3.76 -17.36
C TYR A 356 0.55 -4.08 -18.66
N HIS A 357 0.99 -3.04 -19.38
CA HIS A 357 1.70 -3.26 -20.63
C HIS A 357 2.95 -4.08 -20.45
N ILE A 358 3.74 -3.74 -19.43
CA ILE A 358 4.99 -4.45 -19.17
C ILE A 358 4.72 -5.90 -18.77
N LEU A 359 3.76 -6.14 -17.88
CA LEU A 359 3.46 -7.49 -17.47
C LEU A 359 2.83 -8.33 -18.59
N GLU A 360 2.06 -7.69 -19.47
CA GLU A 360 1.47 -8.37 -20.64
C GLU A 360 2.56 -9.01 -21.50
N ALA A 361 3.73 -8.36 -21.57
CA ALA A 361 4.86 -8.87 -22.33
C ALA A 361 5.39 -10.22 -21.84
N LEU A 362 5.14 -10.54 -20.56
CA LEU A 362 5.62 -11.77 -19.95
C LEU A 362 4.56 -12.86 -19.99
N GLN A 363 3.45 -12.56 -20.68
CA GLN A 363 2.23 -13.39 -20.74
C GLN A 363 1.32 -13.22 -19.49
C1 4D6 B . -0.49 14.02 -0.69
C1 4D6 B . 0.12 14.43 0.05
C3 4D6 B . -0.20 12.10 0.86
C3 4D6 B . -0.30 12.08 0.73
C5 4D6 B . 0.28 14.36 0.43
C5 4D6 B . -0.73 13.76 -0.83
C7 4D6 B . -1.59 10.09 1.29
C7 4D6 B . -1.57 10.09 1.31
C11 4D6 B . -3.70 9.52 -0.84
C11 4D6 B . -3.73 9.52 -0.79
C12 4D6 B . -4.95 8.91 -1.48
C12 4D6 B . -4.97 8.91 -1.46
C14 4D6 B . -4.59 7.65 -2.26
C14 4D6 B . -4.61 7.67 -2.26
C17 4D6 B . -3.87 8.07 -3.54
C17 4D6 B . -3.90 8.10 -3.53
O20 4D6 B . -4.14 6.10 -4.86
O20 4D6 B . -4.08 6.16 -4.89
C18 4D6 B . -3.34 6.90 -4.32
C18 4D6 B . -3.31 6.93 -4.27
O19 4D6 B . -2.10 6.76 -4.41
O19 4D6 B . -2.07 6.80 -4.28
O16 4D6 B . -3.82 6.75 -1.47
O16 4D6 B . -3.82 6.77 -1.48
B15 4D6 B . -2.65 7.16 -0.75
B15 4D6 B . -2.66 7.16 -0.75
O27 4D6 B . -1.46 7.32 -1.69
O27 4D6 B . -1.45 7.32 -1.68
C34 4D6 B . -2.92 8.53 0.02
C34 4D6 B . -2.91 8.53 0.03
N9 4D6 B . -1.68 9.19 0.33
N9 4D6 B . -1.67 9.20 0.31
O8 4D6 B . -2.54 10.43 1.99
O8 4D6 B . -2.51 10.38 2.03
C6 4D6 B . -0.25 10.73 1.49
C6 4D6 B . -0.24 10.78 1.51
S2 4D6 B . -0.99 12.36 -0.67
S2 4D6 B . 0.63 13.41 1.35
C4 4D6 B . 0.45 13.27 1.31
C4 4D6 B . -0.97 12.42 -0.45
C1 EDO C . -5.87 1.30 -7.68
O1 EDO C . -6.82 2.24 -7.14
C2 EDO C . -5.39 0.31 -6.60
O2 EDO C . -4.69 0.96 -5.55
C1 EDO D . -20.45 13.81 2.39
O1 EDO D . -21.61 13.92 3.23
C2 EDO D . -20.77 13.07 1.08
O2 EDO D . -21.17 11.70 1.31
C5 PG0 E . 0.44 5.60 20.54
O2 PG0 E . -0.90 5.92 20.18
C4 PG0 E . -1.23 5.70 18.81
C3 PG0 E . -2.70 5.98 18.58
O1 PG0 E . -3.47 4.85 18.97
C2 PG0 E . -4.87 5.11 18.91
C1 PG0 E . -5.26 5.60 20.30
OTT PG0 E . -4.78 4.67 21.28
#